data_2RK0
#
_entry.id   2RK0
#
_cell.length_a   69.445
_cell.length_b   69.445
_cell.length_c   213.958
_cell.angle_alpha   90.00
_cell.angle_beta   90.00
_cell.angle_gamma   120.00
#
_symmetry.space_group_name_H-M   'P 61 2 2'
#
loop_
_entity.id
_entity.type
_entity.pdbx_description
1 polymer 'Glyoxalase/Bleomycin resistance protein/dioxygenase domain'
2 water water
#
_entity_poly.entity_id   1
_entity_poly.type   'polypeptide(L)'
_entity_poly.pdbx_seq_one_letter_code
;(MSE)SLSGVSHVSLTVRDLDISCRWYTEILDWKELVRGRGDTTSFAHGVLPGGLSIVLREHDGGGTDLFDETRPGLDHL
SFSVES(MSE)TDLDVLEERLAKAGAAFTPTQELPFGWILAFRDADNIALEA(MSE)LGREGHHHHHH
;
_entity_poly.pdbx_strand_id   A,B
#
# COMPACT_ATOMS: atom_id res chain seq x y z
N SER A 2 13.81 -3.99 -14.43
CA SER A 2 13.84 -3.33 -13.11
C SER A 2 12.44 -3.17 -12.51
N LEU A 3 12.37 -2.96 -11.19
CA LEU A 3 11.10 -2.75 -10.51
C LEU A 3 10.52 -1.49 -11.14
N SER A 4 9.22 -1.46 -11.38
CA SER A 4 8.62 -0.30 -12.02
C SER A 4 7.44 0.31 -11.28
N GLY A 5 7.31 0.02 -9.99
CA GLY A 5 6.21 0.59 -9.23
C GLY A 5 5.25 -0.42 -8.64
N VAL A 6 4.04 0.03 -8.37
CA VAL A 6 3.01 -0.83 -7.77
C VAL A 6 2.11 -1.45 -8.83
N SER A 7 2.04 -2.77 -8.85
CA SER A 7 1.18 -3.48 -9.79
C SER A 7 -0.24 -3.36 -9.27
N HIS A 8 -0.40 -3.55 -7.96
CA HIS A 8 -1.69 -3.43 -7.32
C HIS A 8 -1.59 -3.60 -5.82
N VAL A 9 -2.61 -3.12 -5.12
CA VAL A 9 -2.63 -3.22 -3.68
C VAL A 9 -3.84 -4.05 -3.30
N SER A 10 -3.60 -5.09 -2.50
CA SER A 10 -4.70 -5.92 -2.07
C SER A 10 -4.96 -5.62 -0.60
N LEU A 11 -6.17 -5.18 -0.29
CA LEU A 11 -6.55 -4.82 1.06
C LEU A 11 -7.50 -5.84 1.68
N THR A 12 -7.31 -6.12 2.96
CA THR A 12 -8.17 -7.04 3.68
C THR A 12 -9.28 -6.21 4.30
N VAL A 13 -10.52 -6.60 4.03
CA VAL A 13 -11.68 -5.89 4.54
C VAL A 13 -12.66 -6.85 5.22
N ARG A 14 -13.38 -6.35 6.21
CA ARG A 14 -14.33 -7.18 6.95
C ARG A 14 -15.54 -7.57 6.11
N ASP A 15 -16.09 -6.61 5.37
CA ASP A 15 -17.24 -6.86 4.53
C ASP A 15 -16.98 -6.39 3.09
N LEU A 16 -16.80 -7.34 2.19
CA LEU A 16 -16.52 -7.04 0.79
C LEU A 16 -17.50 -6.06 0.13
N ASP A 17 -18.79 -6.35 0.22
CA ASP A 17 -19.80 -5.48 -0.39
C ASP A 17 -19.76 -4.06 0.14
N ILE A 18 -19.61 -3.93 1.46
CA ILE A 18 -19.57 -2.60 2.06
C ILE A 18 -18.37 -1.82 1.52
N SER A 19 -17.22 -2.49 1.41
CA SER A 19 -16.02 -1.84 0.90
C SER A 19 -16.11 -1.46 -0.58
N CYS A 20 -16.70 -2.34 -1.38
CA CYS A 20 -16.84 -2.06 -2.80
C CYS A 20 -17.62 -0.78 -2.98
N ARG A 21 -18.73 -0.65 -2.26
CA ARG A 21 -19.53 0.56 -2.36
C ARG A 21 -18.76 1.78 -1.85
N TRP A 22 -18.01 1.60 -0.77
CA TRP A 22 -17.24 2.71 -0.21
C TRP A 22 -16.20 3.22 -1.20
N TYR A 23 -15.40 2.31 -1.73
CA TYR A 23 -14.37 2.72 -2.67
C TYR A 23 -14.96 3.30 -3.95
N THR A 24 -16.06 2.73 -4.41
CA THR A 24 -16.70 3.20 -5.64
C THR A 24 -17.16 4.64 -5.46
N GLU A 25 -17.88 4.86 -4.37
CA GLU A 25 -18.42 6.17 -4.03
C GLU A 25 -17.39 7.25 -3.72
N ILE A 26 -16.38 6.89 -2.94
CA ILE A 26 -15.34 7.85 -2.53
C ILE A 26 -14.21 8.08 -3.53
N LEU A 27 -13.62 7.01 -4.05
CA LEU A 27 -12.50 7.15 -4.97
C LEU A 27 -12.79 6.79 -6.42
N ASP A 28 -14.06 6.61 -6.76
CA ASP A 28 -14.42 6.26 -8.12
C ASP A 28 -13.76 4.96 -8.53
N TRP A 29 -13.53 4.11 -7.55
CA TRP A 29 -12.94 2.79 -7.79
C TRP A 29 -13.96 2.11 -8.69
N LYS A 30 -13.50 1.41 -9.72
CA LYS A 30 -14.42 0.71 -10.61
C LYS A 30 -14.14 -0.78 -10.58
N GLU A 31 -15.12 -1.56 -10.13
CA GLU A 31 -14.98 -3.00 -10.03
C GLU A 31 -14.92 -3.63 -11.43
N LEU A 32 -13.91 -4.48 -11.65
CA LEU A 32 -13.76 -5.15 -12.94
C LEU A 32 -14.18 -6.60 -12.86
N VAL A 33 -14.07 -7.18 -11.67
CA VAL A 33 -14.45 -8.58 -11.48
C VAL A 33 -14.33 -8.97 -10.02
N ARG A 34 -15.30 -9.74 -9.54
CA ARG A 34 -15.25 -10.21 -8.17
C ARG A 34 -15.34 -11.72 -8.21
N GLY A 35 -14.64 -12.37 -7.29
CA GLY A 35 -14.66 -13.80 -7.28
C GLY A 35 -14.51 -14.43 -5.93
N ARG A 36 -14.18 -15.71 -5.96
CA ARG A 36 -13.99 -16.50 -4.76
C ARG A 36 -12.62 -17.13 -4.78
N GLY A 37 -11.95 -17.09 -3.64
CA GLY A 37 -10.63 -17.70 -3.54
C GLY A 37 -10.80 -18.90 -2.63
N ASP A 38 -9.70 -19.46 -2.16
CA ASP A 38 -9.77 -20.62 -1.26
C ASP A 38 -10.54 -20.27 0.01
N THR A 39 -10.06 -19.27 0.76
CA THR A 39 -10.69 -18.86 2.00
C THR A 39 -11.12 -17.40 1.96
N THR A 40 -11.22 -16.83 0.77
CA THR A 40 -11.59 -15.43 0.63
C THR A 40 -12.54 -15.14 -0.53
N SER A 41 -13.12 -13.93 -0.47
CA SER A 41 -14.00 -13.41 -1.51
C SER A 41 -13.23 -12.16 -1.92
N PHE A 42 -13.18 -11.85 -3.20
CA PHE A 42 -12.44 -10.69 -3.64
C PHE A 42 -13.17 -9.90 -4.72
N ALA A 43 -12.75 -8.66 -4.89
CA ALA A 43 -13.29 -7.77 -5.91
C ALA A 43 -12.12 -6.94 -6.37
N HIS A 44 -11.77 -7.07 -7.65
CA HIS A 44 -10.68 -6.33 -8.23
C HIS A 44 -11.22 -5.14 -8.99
N GLY A 45 -10.71 -3.95 -8.67
CA GLY A 45 -11.16 -2.75 -9.36
C GLY A 45 -9.98 -1.84 -9.65
N VAL A 46 -10.23 -0.78 -10.41
CA VAL A 46 -9.17 0.17 -10.72
C VAL A 46 -9.63 1.57 -10.39
N LEU A 47 -8.69 2.41 -9.97
CA LEU A 47 -9.00 3.79 -9.62
C LEU A 47 -8.65 4.70 -10.79
N PRO A 48 -9.20 5.92 -10.79
CA PRO A 48 -8.86 6.82 -11.89
C PRO A 48 -7.34 6.97 -11.76
N GLY A 49 -6.63 7.05 -12.89
CA GLY A 49 -5.20 7.17 -12.83
C GLY A 49 -4.54 5.82 -13.08
N GLY A 50 -5.32 4.74 -12.96
CA GLY A 50 -4.78 3.42 -13.24
C GLY A 50 -4.44 2.46 -12.11
N LEU A 51 -4.37 2.94 -10.87
CA LEU A 51 -4.02 2.05 -9.75
C LEU A 51 -5.04 0.96 -9.50
N SER A 52 -4.57 -0.29 -9.47
CA SER A 52 -5.43 -1.43 -9.22
C SER A 52 -5.50 -1.71 -7.73
N ILE A 53 -6.72 -1.86 -7.22
CA ILE A 53 -6.93 -2.17 -5.82
C ILE A 53 -7.85 -3.37 -5.71
N VAL A 54 -7.38 -4.38 -5.01
CA VAL A 54 -8.17 -5.59 -4.81
C VAL A 54 -8.65 -5.60 -3.37
N LEU A 55 -9.97 -5.74 -3.19
CA LEU A 55 -10.57 -5.79 -1.87
C LEU A 55 -10.74 -7.27 -1.56
N ARG A 56 -10.34 -7.69 -0.37
CA ARG A 56 -10.42 -9.11 -0.04
C ARG A 56 -11.01 -9.39 1.35
N GLU A 57 -12.06 -10.20 1.38
CA GLU A 57 -12.70 -10.57 2.64
C GLU A 57 -12.31 -12.01 2.97
N HIS A 58 -11.72 -12.21 4.14
CA HIS A 58 -11.29 -13.53 4.60
C HIS A 58 -12.42 -14.19 5.39
N ASP A 59 -12.77 -15.43 5.05
CA ASP A 59 -13.84 -16.12 5.77
C ASP A 59 -13.56 -16.13 7.26
N GLY A 60 -12.30 -16.25 7.63
CA GLY A 60 -11.93 -16.27 9.03
C GLY A 60 -11.41 -14.94 9.55
N GLY A 61 -11.81 -13.85 8.89
CA GLY A 61 -11.36 -12.55 9.34
C GLY A 61 -12.49 -11.83 10.05
N GLY A 62 -12.37 -10.50 10.17
CA GLY A 62 -13.40 -9.71 10.81
C GLY A 62 -13.40 -9.70 12.32
N THR A 63 -12.40 -10.29 12.95
CA THR A 63 -12.32 -10.31 14.41
C THR A 63 -11.32 -9.29 14.92
N ASP A 64 -10.27 -9.04 14.14
CA ASP A 64 -9.26 -8.04 14.52
C ASP A 64 -9.58 -6.75 13.79
N LEU A 65 -9.05 -5.63 14.30
CA LEU A 65 -9.28 -4.33 13.68
C LEU A 65 -8.02 -3.82 13.00
N PHE A 66 -8.18 -2.85 12.11
CA PHE A 66 -7.00 -2.28 11.48
C PHE A 66 -6.20 -1.69 12.64
N ASP A 67 -4.92 -1.99 12.69
CA ASP A 67 -4.07 -1.48 13.76
C ASP A 67 -2.69 -1.18 13.20
N GLU A 68 -2.42 0.09 12.92
CA GLU A 68 -1.13 0.50 12.36
C GLU A 68 0.10 0.09 13.16
N THR A 69 -0.08 -0.30 14.43
CA THR A 69 1.07 -0.72 15.23
C THR A 69 1.47 -2.17 14.95
N ARG A 70 0.68 -2.85 14.11
CA ARG A 70 0.92 -4.24 13.71
C ARG A 70 1.59 -4.26 12.34
N PRO A 71 2.52 -5.21 12.10
CA PRO A 71 3.19 -5.28 10.80
C PRO A 71 2.21 -5.33 9.65
N GLY A 72 2.55 -4.64 8.57
CA GLY A 72 1.67 -4.61 7.42
C GLY A 72 1.56 -3.16 6.99
N LEU A 73 0.35 -2.71 6.69
CA LEU A 73 0.15 -1.34 6.24
C LEU A 73 0.06 -0.31 7.37
N ASP A 74 0.84 0.76 7.27
CA ASP A 74 0.80 1.86 8.24
C ASP A 74 -0.26 2.79 7.63
N HIS A 75 -0.07 3.15 6.38
CA HIS A 75 -1.03 3.96 5.63
C HIS A 75 -0.67 4.01 4.14
N LEU A 76 -1.68 4.26 3.30
CA LEU A 76 -1.50 4.32 1.85
C LEU A 76 -1.80 5.74 1.35
N SER A 77 -0.84 6.36 0.69
CA SER A 77 -1.01 7.71 0.19
C SER A 77 -1.08 7.82 -1.33
N PHE A 78 -2.17 8.40 -1.81
CA PHE A 78 -2.42 8.58 -3.24
C PHE A 78 -1.99 9.97 -3.72
N SER A 79 -1.53 10.06 -4.97
CA SER A 79 -1.15 11.35 -5.53
C SER A 79 -2.38 11.91 -6.25
N VAL A 80 -2.66 13.20 -6.07
CA VAL A 80 -3.77 13.85 -6.77
C VAL A 80 -3.16 15.00 -7.57
N GLU A 81 -3.84 15.41 -8.63
CA GLU A 81 -3.32 16.46 -9.49
C GLU A 81 -3.60 17.92 -9.13
N SER A 82 -4.75 18.20 -8.52
CA SER A 82 -5.05 19.59 -8.17
C SER A 82 -5.80 19.67 -6.86
N MSE A 83 -5.93 20.90 -6.35
CA MSE A 83 -6.64 21.15 -5.11
C MSE A 83 -8.10 20.70 -5.23
O MSE A 83 -8.69 20.21 -4.27
CB MSE A 83 -6.60 22.65 -4.77
CG MSE A 83 -7.16 22.99 -3.41
SE MSE A 83 -5.93 22.39 -2.04
CE MSE A 83 -4.45 23.61 -2.31
N THR A 84 -8.68 20.87 -6.42
CA THR A 84 -10.06 20.48 -6.66
C THR A 84 -10.27 19.02 -6.33
N ASP A 85 -9.27 18.19 -6.63
CA ASP A 85 -9.38 16.77 -6.31
C ASP A 85 -9.58 16.59 -4.81
N LEU A 86 -8.85 17.36 -4.02
CA LEU A 86 -8.95 17.29 -2.56
C LEU A 86 -10.30 17.83 -2.10
N ASP A 87 -10.73 18.92 -2.72
CA ASP A 87 -12.01 19.55 -2.38
C ASP A 87 -13.14 18.55 -2.61
N VAL A 88 -13.07 17.84 -3.73
CA VAL A 88 -14.09 16.86 -4.06
C VAL A 88 -14.08 15.69 -3.07
N LEU A 89 -12.89 15.22 -2.72
CA LEU A 89 -12.77 14.12 -1.77
C LEU A 89 -13.40 14.51 -0.42
N GLU A 90 -13.07 15.70 0.06
CA GLU A 90 -13.63 16.14 1.34
C GLU A 90 -15.16 16.17 1.28
N GLU A 91 -15.69 16.63 0.16
CA GLU A 91 -17.14 16.71 -0.03
C GLU A 91 -17.77 15.33 0.04
N ARG A 92 -17.16 14.38 -0.67
CA ARG A 92 -17.66 13.01 -0.68
C ARG A 92 -17.54 12.34 0.69
N LEU A 93 -16.40 12.54 1.34
CA LEU A 93 -16.17 11.96 2.66
C LEU A 93 -17.20 12.47 3.65
N ALA A 94 -17.41 13.78 3.63
CA ALA A 94 -18.37 14.41 4.53
C ALA A 94 -19.77 13.89 4.25
N LYS A 95 -20.17 13.93 2.98
CA LYS A 95 -21.49 13.46 2.58
C LYS A 95 -21.70 12.01 3.03
N ALA A 96 -20.64 11.21 2.97
CA ALA A 96 -20.71 9.81 3.37
C ALA A 96 -20.57 9.60 4.88
N GLY A 97 -20.26 10.67 5.60
CA GLY A 97 -20.10 10.54 7.04
C GLY A 97 -18.86 9.75 7.40
N ALA A 98 -17.86 9.78 6.53
CA ALA A 98 -16.62 9.07 6.77
C ALA A 98 -15.72 9.83 7.75
N ALA A 99 -14.67 9.17 8.22
CA ALA A 99 -13.71 9.78 9.14
C ALA A 99 -12.61 10.46 8.33
N PHE A 100 -12.35 11.73 8.62
CA PHE A 100 -11.31 12.47 7.91
C PHE A 100 -11.06 13.82 8.55
N THR A 101 -9.89 14.37 8.28
CA THR A 101 -9.53 15.68 8.80
C THR A 101 -9.46 16.61 7.60
N PRO A 102 -9.71 17.90 7.81
CA PRO A 102 -9.67 18.88 6.72
C PRO A 102 -8.31 18.83 6.03
N THR A 103 -8.29 19.17 4.74
CA THR A 103 -7.04 19.16 4.01
C THR A 103 -6.06 20.08 4.76
N GLN A 104 -4.85 19.60 4.97
CA GLN A 104 -3.86 20.39 5.69
C GLN A 104 -2.76 20.91 4.79
N GLU A 105 -2.44 22.19 4.93
CA GLU A 105 -1.39 22.81 4.14
C GLU A 105 -0.06 22.62 4.88
N LEU A 106 0.89 22.00 4.21
CA LEU A 106 2.20 21.74 4.78
C LEU A 106 3.27 22.36 3.91
N PRO A 107 4.52 22.40 4.38
CA PRO A 107 5.61 22.99 3.61
C PRO A 107 5.77 22.45 2.19
N PHE A 108 5.66 21.13 2.04
CA PHE A 108 5.85 20.53 0.73
C PHE A 108 4.61 20.11 -0.02
N GLY A 109 3.44 20.48 0.50
CA GLY A 109 2.20 20.13 -0.17
C GLY A 109 1.00 20.15 0.75
N TRP A 110 -0.12 19.61 0.25
CA TRP A 110 -1.37 19.54 1.00
C TRP A 110 -1.71 18.06 1.17
N ILE A 111 -2.20 17.69 2.35
CA ILE A 111 -2.56 16.30 2.60
C ILE A 111 -3.96 16.21 3.19
N LEU A 112 -4.71 15.23 2.71
CA LEU A 112 -6.05 14.98 3.21
C LEU A 112 -5.97 13.57 3.78
N ALA A 113 -6.12 13.45 5.10
CA ALA A 113 -6.03 12.13 5.74
C ALA A 113 -7.44 11.61 6.03
N PHE A 114 -7.71 10.37 5.61
CA PHE A 114 -9.02 9.80 5.82
C PHE A 114 -8.96 8.28 6.03
N ARG A 115 -10.09 7.70 6.42
CA ARG A 115 -10.15 6.26 6.68
C ARG A 115 -11.25 5.63 5.85
N ASP A 116 -11.09 4.36 5.49
CA ASP A 116 -12.13 3.71 4.73
C ASP A 116 -13.08 3.03 5.72
N ALA A 117 -14.03 2.26 5.19
CA ALA A 117 -15.02 1.59 6.04
C ALA A 117 -14.41 0.70 7.14
N ASP A 118 -13.19 0.23 6.93
CA ASP A 118 -12.51 -0.61 7.93
C ASP A 118 -11.49 0.19 8.74
N ASN A 119 -11.56 1.51 8.63
CA ASN A 119 -10.65 2.39 9.35
C ASN A 119 -9.21 2.31 8.84
N ILE A 120 -9.02 1.75 7.66
CA ILE A 120 -7.68 1.66 7.10
C ILE A 120 -7.23 3.09 6.80
N ALA A 121 -6.01 3.43 7.19
CA ALA A 121 -5.48 4.76 6.99
C ALA A 121 -5.05 5.08 5.56
N LEU A 122 -5.70 6.08 4.96
CA LEU A 122 -5.41 6.53 3.61
C LEU A 122 -5.13 8.03 3.59
N GLU A 123 -4.48 8.48 2.52
CA GLU A 123 -4.14 9.88 2.35
C GLU A 123 -4.20 10.28 0.87
N ALA A 124 -4.46 11.55 0.63
CA ALA A 124 -4.47 12.11 -0.73
C ALA A 124 -3.47 13.25 -0.61
N MSE A 125 -2.51 13.29 -1.53
CA MSE A 125 -1.44 14.26 -1.49
C MSE A 125 -1.27 15.12 -2.74
O MSE A 125 -1.33 14.62 -3.86
CB MSE A 125 -0.15 13.49 -1.24
CG MSE A 125 1.14 14.18 -1.64
SE MSE A 125 1.92 15.06 -0.09
CE MSE A 125 1.56 16.94 -0.43
N LEU A 126 -1.05 16.42 -2.53
CA LEU A 126 -0.85 17.38 -3.62
C LEU A 126 0.49 18.09 -3.38
N GLY A 127 1.37 18.05 -4.37
CA GLY A 127 2.67 18.68 -4.22
C GLY A 127 2.67 20.20 -4.34
N ARG A 128 3.70 20.83 -3.79
CA ARG A 128 3.78 22.28 -3.81
C ARG A 128 4.90 22.79 -4.71
N GLU A 129 6.14 22.38 -4.41
CA GLU A 129 7.31 22.81 -5.17
C GLU A 129 7.20 22.48 -6.64
N GLY A 130 7.41 23.49 -7.49
CA GLY A 130 7.35 23.28 -8.92
C GLY A 130 5.96 23.43 -9.51
N HIS A 131 4.97 23.64 -8.63
CA HIS A 131 3.60 23.82 -9.05
C HIS A 131 3.15 25.22 -8.66
N HIS A 132 1.90 25.57 -8.97
CA HIS A 132 1.38 26.90 -8.64
C HIS A 132 0.05 26.82 -7.88
N HIS A 133 -0.16 25.70 -7.20
CA HIS A 133 -1.40 25.50 -6.46
C HIS A 133 -1.57 26.50 -5.31
N HIS A 134 -0.46 27.08 -4.86
CA HIS A 134 -0.48 28.05 -3.77
C HIS A 134 -0.44 29.48 -4.31
N HIS A 135 -0.55 29.62 -5.62
CA HIS A 135 -0.50 30.91 -6.28
C HIS A 135 -1.84 31.38 -6.86
N HIS A 136 -2.94 30.76 -6.44
CA HIS A 136 -4.24 31.15 -6.96
C HIS A 136 -5.06 31.96 -5.95
N SER B 2 -7.23 14.76 -11.36
CA SER B 2 -7.82 13.62 -10.61
C SER B 2 -6.74 12.87 -9.86
N LEU B 3 -7.09 11.69 -9.36
CA LEU B 3 -6.14 10.86 -8.65
C LEU B 3 -5.27 10.20 -9.71
N SER B 4 -3.95 10.26 -9.55
CA SER B 4 -3.06 9.68 -10.55
C SER B 4 -2.55 8.29 -10.16
N GLY B 5 -1.94 8.19 -8.98
CA GLY B 5 -1.43 6.91 -8.54
C GLY B 5 -1.01 6.92 -7.08
N VAL B 6 0.03 6.15 -6.77
CA VAL B 6 0.55 6.06 -5.40
C VAL B 6 1.67 7.05 -5.11
N SER B 7 1.46 7.90 -4.12
CA SER B 7 2.47 8.87 -3.71
C SER B 7 3.53 8.10 -2.91
N HIS B 8 3.07 7.24 -2.01
CA HIS B 8 3.97 6.41 -1.22
C HIS B 8 3.18 5.43 -0.37
N VAL B 9 3.84 4.34 -0.01
CA VAL B 9 3.24 3.31 0.83
C VAL B 9 4.04 3.31 2.12
N SER B 10 3.35 3.31 3.25
CA SER B 10 4.03 3.28 4.53
C SER B 10 3.76 1.92 5.15
N LEU B 11 4.81 1.17 5.45
CA LEU B 11 4.70 -0.16 6.04
C LEU B 11 5.22 -0.19 7.48
N THR B 12 4.48 -0.85 8.35
CA THR B 12 4.87 -0.97 9.74
C THR B 12 5.76 -2.21 9.88
N VAL B 13 6.93 -2.03 10.49
CA VAL B 13 7.90 -3.10 10.69
C VAL B 13 8.24 -3.25 12.17
N ARG B 14 8.63 -4.47 12.57
CA ARG B 14 8.97 -4.74 13.96
C ARG B 14 10.31 -4.11 14.35
N ASP B 15 11.29 -4.21 13.47
CA ASP B 15 12.62 -3.66 13.74
C ASP B 15 13.09 -2.87 12.53
N LEU B 16 13.10 -1.54 12.68
CA LEU B 16 13.50 -0.66 11.61
C LEU B 16 14.81 -1.03 10.94
N ASP B 17 15.87 -1.15 11.73
CA ASP B 17 17.18 -1.49 11.19
C ASP B 17 17.19 -2.80 10.41
N ILE B 18 16.58 -3.82 10.97
CA ILE B 18 16.52 -5.10 10.30
C ILE B 18 15.75 -4.97 8.98
N SER B 19 14.63 -4.24 8.99
CA SER B 19 13.84 -4.07 7.78
C SER B 19 14.54 -3.19 6.75
N CYS B 20 15.28 -2.18 7.20
CA CYS B 20 15.98 -1.31 6.28
C CYS B 20 17.00 -2.12 5.49
N ARG B 21 17.71 -2.99 6.18
CA ARG B 21 18.71 -3.83 5.53
C ARG B 21 18.03 -4.81 4.57
N TRP B 22 16.92 -5.40 5.01
CA TRP B 22 16.22 -6.37 4.18
C TRP B 22 15.74 -5.74 2.88
N TYR B 23 15.05 -4.61 2.99
CA TYR B 23 14.52 -3.94 1.81
C TYR B 23 15.64 -3.46 0.89
N THR B 24 16.74 -3.02 1.48
CA THR B 24 17.88 -2.55 0.70
C THR B 24 18.48 -3.70 -0.11
N GLU B 25 18.70 -4.82 0.57
CA GLU B 25 19.31 -5.99 -0.06
C GLU B 25 18.42 -6.68 -1.09
N ILE B 26 17.16 -6.89 -0.74
CA ILE B 26 16.23 -7.58 -1.62
C ILE B 26 15.65 -6.76 -2.79
N LEU B 27 15.23 -5.54 -2.51
CA LEU B 27 14.62 -4.71 -3.54
C LEU B 27 15.40 -3.48 -3.98
N ASP B 28 16.64 -3.32 -3.50
CA ASP B 28 17.44 -2.16 -3.83
C ASP B 28 16.81 -0.86 -3.30
N TRP B 29 16.04 -0.99 -2.23
CA TRP B 29 15.41 0.15 -1.58
C TRP B 29 16.56 1.07 -1.15
N LYS B 30 16.40 2.38 -1.39
CA LYS B 30 17.41 3.36 -1.03
C LYS B 30 16.90 4.31 0.03
N GLU B 31 17.44 4.19 1.25
CA GLU B 31 17.05 5.06 2.35
C GLU B 31 17.45 6.50 2.05
N LEU B 32 16.51 7.42 2.18
CA LEU B 32 16.80 8.83 1.93
C LEU B 32 16.98 9.58 3.23
N VAL B 33 16.11 9.31 4.19
CA VAL B 33 16.18 9.97 5.47
C VAL B 33 15.59 9.06 6.54
N ARG B 34 16.03 9.27 7.77
CA ARG B 34 15.58 8.51 8.92
C ARG B 34 15.00 9.53 9.88
N GLY B 35 14.15 9.08 10.81
CA GLY B 35 13.58 10.01 11.75
C GLY B 35 12.91 9.37 12.95
N ARG B 36 12.46 10.22 13.86
CA ARG B 36 11.80 9.78 15.08
C ARG B 36 10.51 10.57 15.25
N GLY B 37 9.42 9.86 15.52
CA GLY B 37 8.14 10.49 15.74
C GLY B 37 7.87 10.44 17.24
N ASP B 38 6.66 10.78 17.65
CA ASP B 38 6.32 10.76 19.08
C ASP B 38 6.44 9.35 19.64
N THR B 39 5.85 8.39 18.95
CA THR B 39 5.88 7.01 19.39
C THR B 39 6.40 6.05 18.31
N THR B 40 7.16 6.59 17.36
CA THR B 40 7.69 5.77 16.27
C THR B 40 8.99 6.26 15.71
N SER B 41 9.65 5.35 15.00
CA SER B 41 10.91 5.62 14.31
C SER B 41 10.63 5.22 12.86
N PHE B 42 11.11 6.00 11.91
CA PHE B 42 10.85 5.67 10.51
C PHE B 42 12.06 5.87 9.62
N ALA B 43 11.94 5.35 8.40
CA ALA B 43 12.97 5.47 7.40
C ALA B 43 12.24 5.60 6.07
N HIS B 44 12.48 6.70 5.37
CA HIS B 44 11.86 6.92 4.09
C HIS B 44 12.86 6.54 3.00
N GLY B 45 12.44 5.65 2.11
CA GLY B 45 13.32 5.22 1.05
C GLY B 45 12.59 5.15 -0.28
N VAL B 46 13.34 4.93 -1.36
CA VAL B 46 12.76 4.83 -2.69
C VAL B 46 13.31 3.62 -3.43
N LEU B 47 12.46 2.97 -4.20
CA LEU B 47 12.86 1.80 -4.98
C LEU B 47 13.28 2.20 -6.38
N PRO B 48 13.95 1.29 -7.10
CA PRO B 48 14.35 1.63 -8.46
C PRO B 48 13.01 1.88 -9.13
N GLY B 49 12.94 2.82 -10.06
CA GLY B 49 11.67 3.09 -10.69
C GLY B 49 11.05 4.31 -10.02
N GLY B 50 11.51 4.63 -8.81
CA GLY B 50 11.02 5.80 -8.11
C GLY B 50 9.95 5.68 -7.02
N LEU B 51 9.40 4.49 -6.82
CA LEU B 51 8.35 4.32 -5.80
C LEU B 51 8.87 4.58 -4.39
N SER B 52 8.13 5.40 -3.64
CA SER B 52 8.50 5.72 -2.26
C SER B 52 7.91 4.73 -1.26
N ILE B 53 8.78 4.19 -0.41
CA ILE B 53 8.36 3.24 0.62
C ILE B 53 8.91 3.71 1.97
N VAL B 54 8.01 3.92 2.92
CA VAL B 54 8.39 4.35 4.25
C VAL B 54 8.24 3.17 5.19
N LEU B 55 9.28 2.88 5.96
CA LEU B 55 9.25 1.79 6.92
C LEU B 55 9.10 2.47 8.28
N ARG B 56 8.10 2.06 9.05
CA ARG B 56 7.88 2.66 10.34
C ARG B 56 7.78 1.65 11.47
N GLU B 57 8.61 1.86 12.50
CA GLU B 57 8.61 1.00 13.69
C GLU B 57 7.85 1.73 14.80
N HIS B 58 6.83 1.08 15.34
CA HIS B 58 6.02 1.67 16.39
C HIS B 58 6.51 1.24 17.77
N ASP B 59 6.51 2.17 18.71
CA ASP B 59 6.96 1.90 20.07
C ASP B 59 6.34 0.67 20.72
N GLY B 60 7.12 0.06 21.61
CA GLY B 60 6.69 -1.11 22.35
C GLY B 60 5.87 -2.13 21.58
N GLY B 61 6.22 -2.35 20.32
CA GLY B 61 5.49 -3.32 19.53
C GLY B 61 5.79 -4.71 20.00
N GLY B 62 4.80 -5.59 19.93
CA GLY B 62 5.01 -6.96 20.36
C GLY B 62 5.96 -7.66 19.40
N THR B 63 5.93 -8.99 19.43
CA THR B 63 6.77 -9.81 18.56
C THR B 63 5.92 -10.14 17.34
N ASP B 64 4.62 -9.84 17.48
CA ASP B 64 3.60 -10.10 16.48
C ASP B 64 4.03 -9.86 15.04
N LEU B 65 3.69 -10.82 14.19
CA LEU B 65 4.01 -10.76 12.78
C LEU B 65 2.82 -10.29 11.97
N PHE B 66 3.04 -10.06 10.69
CA PHE B 66 2.00 -9.66 9.76
C PHE B 66 0.93 -10.76 9.73
N ASP B 67 -0.34 -10.38 9.59
CA ASP B 67 -1.42 -11.37 9.53
C ASP B 67 -2.44 -10.92 8.50
N GLU B 68 -2.49 -11.62 7.37
CA GLU B 68 -3.41 -11.30 6.29
C GLU B 68 -4.87 -11.14 6.69
N THR B 69 -5.30 -11.83 7.75
CA THR B 69 -6.70 -11.74 8.17
C THR B 69 -7.03 -10.45 8.93
N ARG B 70 -6.02 -9.67 9.28
CA ARG B 70 -6.27 -8.42 9.99
C ARG B 70 -6.53 -7.32 8.95
N PRO B 71 -7.59 -6.53 9.14
CA PRO B 71 -7.87 -5.46 8.18
C PRO B 71 -6.61 -4.65 7.92
N GLY B 72 -6.45 -4.24 6.66
CA GLY B 72 -5.28 -3.47 6.28
C GLY B 72 -4.72 -4.10 5.03
N LEU B 73 -3.42 -4.39 5.04
CA LEU B 73 -2.78 -4.99 3.88
C LEU B 73 -3.01 -6.50 3.81
N ASP B 74 -3.40 -6.96 2.62
CA ASP B 74 -3.58 -8.39 2.35
C ASP B 74 -2.22 -8.76 1.75
N HIS B 75 -1.78 -7.98 0.77
CA HIS B 75 -0.46 -8.13 0.16
C HIS B 75 -0.18 -6.99 -0.81
N LEU B 76 1.09 -6.65 -0.95
CA LEU B 76 1.51 -5.57 -1.84
C LEU B 76 2.19 -6.14 -3.09
N SER B 77 1.73 -5.73 -4.26
CA SER B 77 2.30 -6.26 -5.49
C SER B 77 3.09 -5.25 -6.32
N PHE B 78 4.37 -5.54 -6.52
CA PHE B 78 5.25 -4.68 -7.30
C PHE B 78 5.30 -5.16 -8.75
N SER B 79 5.35 -4.22 -9.68
CA SER B 79 5.43 -4.59 -11.09
C SER B 79 6.90 -4.56 -11.47
N VAL B 80 7.32 -5.47 -12.35
CA VAL B 80 8.71 -5.51 -12.82
C VAL B 80 8.68 -5.40 -14.34
N GLU B 81 9.83 -5.15 -14.96
CA GLU B 81 9.89 -4.96 -16.41
C GLU B 81 10.13 -6.21 -17.27
N SER B 82 10.86 -7.19 -16.73
CA SER B 82 11.13 -8.42 -17.48
C SER B 82 11.31 -9.61 -16.55
N MSE B 83 11.39 -10.79 -17.14
CA MSE B 83 11.56 -12.03 -16.40
C MSE B 83 12.86 -11.99 -15.60
O MSE B 83 12.95 -12.60 -14.53
CB MSE B 83 11.59 -13.23 -17.35
CG MSE B 83 11.35 -14.57 -16.66
SE MSE B 83 9.50 -14.69 -16.08
CE MSE B 83 8.54 -15.14 -17.71
N THR B 84 13.85 -11.30 -16.14
CA THR B 84 15.14 -11.19 -15.49
C THR B 84 15.00 -10.60 -14.09
N ASP B 85 14.07 -9.66 -13.93
CA ASP B 85 13.86 -9.04 -12.64
C ASP B 85 13.42 -10.08 -11.62
N LEU B 86 12.56 -10.99 -12.06
CA LEU B 86 12.07 -12.06 -11.19
C LEU B 86 13.18 -13.05 -10.87
N ASP B 87 14.02 -13.35 -11.85
CA ASP B 87 15.12 -14.29 -11.64
C ASP B 87 16.07 -13.71 -10.60
N VAL B 88 16.37 -12.42 -10.72
CA VAL B 88 17.26 -11.75 -9.79
C VAL B 88 16.66 -11.76 -8.39
N LEU B 89 15.36 -11.49 -8.29
CA LEU B 89 14.70 -11.49 -6.99
C LEU B 89 14.80 -12.87 -6.34
N GLU B 90 14.51 -13.92 -7.10
CA GLU B 90 14.59 -15.27 -6.58
C GLU B 90 16.00 -15.58 -6.05
N GLU B 91 17.00 -15.14 -6.80
CA GLU B 91 18.38 -15.36 -6.39
C GLU B 91 18.67 -14.65 -5.07
N ARG B 92 18.22 -13.41 -4.93
CA ARG B 92 18.44 -12.65 -3.71
C ARG B 92 17.67 -13.26 -2.54
N LEU B 93 16.44 -13.65 -2.79
CA LEU B 93 15.61 -14.23 -1.74
C LEU B 93 16.22 -15.52 -1.23
N ALA B 94 16.65 -16.39 -2.14
CA ALA B 94 17.27 -17.65 -1.77
C ALA B 94 18.53 -17.41 -0.94
N LYS B 95 19.37 -16.49 -1.40
CA LYS B 95 20.60 -16.18 -0.71
C LYS B 95 20.35 -15.66 0.71
N ALA B 96 19.26 -14.92 0.88
CA ALA B 96 18.93 -14.37 2.19
C ALA B 96 18.16 -15.38 3.04
N GLY B 97 17.88 -16.54 2.46
CA GLY B 97 17.15 -17.55 3.19
C GLY B 97 15.72 -17.11 3.48
N ALA B 98 15.19 -16.24 2.62
CA ALA B 98 13.82 -15.74 2.79
C ALA B 98 12.82 -16.75 2.27
N ALA B 99 11.59 -16.66 2.76
CA ALA B 99 10.53 -17.55 2.33
C ALA B 99 9.96 -16.99 1.04
N PHE B 100 9.79 -17.86 0.05
CA PHE B 100 9.25 -17.43 -1.24
C PHE B 100 8.91 -18.64 -2.07
N THR B 101 7.89 -18.50 -2.91
CA THR B 101 7.48 -19.57 -3.80
C THR B 101 7.95 -19.13 -5.20
N PRO B 102 8.68 -19.99 -5.91
CA PRO B 102 9.18 -19.68 -7.26
C PRO B 102 8.14 -19.14 -8.23
N THR B 103 8.60 -18.28 -9.14
CA THR B 103 7.72 -17.66 -10.14
C THR B 103 6.77 -18.63 -10.78
N GLN B 104 5.47 -18.29 -10.75
CA GLN B 104 4.43 -19.12 -11.35
C GLN B 104 3.83 -18.36 -12.53
N GLU B 105 3.60 -19.05 -13.64
CA GLU B 105 2.98 -18.39 -14.78
C GLU B 105 1.47 -18.52 -14.66
N LEU B 106 0.78 -17.39 -14.70
CA LEU B 106 -0.66 -17.37 -14.59
C LEU B 106 -1.24 -16.73 -15.85
N PRO B 107 -2.58 -16.69 -15.96
CA PRO B 107 -3.23 -16.11 -17.13
C PRO B 107 -2.83 -14.67 -17.45
N PHE B 108 -2.71 -13.84 -16.42
CA PHE B 108 -2.38 -12.43 -16.57
C PHE B 108 -0.90 -12.07 -16.39
N GLY B 109 -0.05 -13.08 -16.19
CA GLY B 109 1.36 -12.80 -16.02
C GLY B 109 2.09 -13.77 -15.12
N TRP B 110 3.31 -13.40 -14.76
CA TRP B 110 4.16 -14.21 -13.90
C TRP B 110 4.23 -13.56 -12.52
N ILE B 111 4.02 -14.36 -11.48
CA ILE B 111 4.04 -13.84 -10.13
C ILE B 111 5.00 -14.55 -9.22
N LEU B 112 5.77 -13.76 -8.48
CA LEU B 112 6.73 -14.26 -7.53
C LEU B 112 6.23 -13.77 -6.17
N ALA B 113 5.78 -14.69 -5.32
CA ALA B 113 5.27 -14.32 -4.00
C ALA B 113 6.32 -14.58 -2.93
N PHE B 114 6.58 -13.58 -2.10
CA PHE B 114 7.56 -13.70 -1.03
C PHE B 114 7.16 -12.97 0.26
N ARG B 115 7.94 -13.18 1.32
CA ARG B 115 7.66 -12.58 2.62
C ARG B 115 8.86 -11.79 3.13
N ASP B 116 8.62 -10.63 3.72
CA ASP B 116 9.74 -9.84 4.23
C ASP B 116 10.10 -10.31 5.64
N ALA B 117 10.96 -9.56 6.31
CA ALA B 117 11.40 -9.92 7.66
C ALA B 117 10.28 -10.06 8.69
N ASP B 118 9.14 -9.42 8.46
CA ASP B 118 8.04 -9.53 9.42
C ASP B 118 6.89 -10.34 8.85
N ASN B 119 7.19 -11.15 7.83
CA ASN B 119 6.19 -11.99 7.19
C ASN B 119 5.19 -11.22 6.35
N ILE B 120 5.48 -9.95 6.05
CA ILE B 120 4.54 -9.18 5.24
C ILE B 120 4.50 -9.80 3.84
N ALA B 121 3.28 -10.06 3.35
CA ALA B 121 3.10 -10.68 2.05
C ALA B 121 3.38 -9.70 0.90
N LEU B 122 4.36 -10.04 0.07
CA LEU B 122 4.73 -9.21 -1.06
C LEU B 122 4.74 -10.04 -2.32
N GLU B 123 4.63 -9.37 -3.47
CA GLU B 123 4.66 -10.05 -4.76
C GLU B 123 5.33 -9.15 -5.79
N ALA B 124 5.90 -9.78 -6.80
CA ALA B 124 6.55 -9.10 -7.91
C ALA B 124 5.88 -9.75 -9.10
N MSE B 125 5.29 -8.93 -9.96
CA MSE B 125 4.60 -9.46 -11.11
C MSE B 125 5.00 -8.87 -12.44
O MSE B 125 5.18 -7.66 -12.58
CB MSE B 125 3.11 -9.26 -10.91
CG MSE B 125 2.24 -9.91 -11.97
SE MSE B 125 0.40 -9.47 -11.57
CE MSE B 125 0.08 -8.01 -12.84
N LEU B 126 5.15 -9.73 -13.43
CA LEU B 126 5.47 -9.31 -14.77
C LEU B 126 4.15 -9.50 -15.50
N GLY B 127 3.45 -8.41 -15.74
CA GLY B 127 2.17 -8.49 -16.40
C GLY B 127 2.26 -8.68 -17.90
N ARG B 128 1.19 -9.19 -18.50
CA ARG B 128 1.15 -9.41 -19.95
C ARG B 128 0.73 -8.11 -20.61
#